data_2HZT
#
_entry.id   2HZT
#
_cell.length_a   45.273
_cell.length_b   45.521
_cell.length_c   230.276
_cell.angle_alpha   90.00
_cell.angle_beta   90.00
_cell.angle_gamma   90.00
#
_symmetry.space_group_name_H-M   'P 21 21 21'
#
loop_
_entity.id
_entity.type
_entity.pdbx_description
1 polymer 'Putative HTH-type transcriptional regulator ytcD'
2 water water
#
_entity_poly.entity_id   1
_entity_poly.type   'polypeptide(L)'
_entity_poly.pdbx_seq_one_letter_code
;(MSE)SLVEATLEVIGGKWK(CSU)VIL(CSU)HLTHGKKRTSELKRL(MSE)PNITQK(MSE)LTQQLRELEADGVINR
IVYNQVPPKVEYELSEYGRSLEGILD(MSE)L(CSU)AWGANHINRVEGHHHHHH
;
_entity_poly.pdbx_strand_id   A,B,C,D
#
# COMPACT_ATOMS: atom_id res chain seq x y z
N MSE A 1 -6.32 -4.33 14.18
CA MSE A 1 -4.85 -4.06 14.21
C MSE A 1 -4.32 -3.91 15.63
O MSE A 1 -5.09 -3.68 16.57
CB MSE A 1 -4.54 -2.79 13.41
CG MSE A 1 -5.36 -1.58 13.82
SE MSE A 1 -4.90 -0.02 12.78
CE MSE A 1 -5.48 -0.62 11.02
N SER A 2 -3.00 -4.02 15.79
CA SER A 2 -2.37 -3.90 17.10
C SER A 2 -2.43 -2.46 17.59
N LEU A 3 -2.04 -2.25 18.85
CA LEU A 3 -2.04 -0.93 19.43
C LEU A 3 -1.01 -0.03 18.71
N VAL A 4 0.20 -0.55 18.50
CA VAL A 4 1.22 0.26 17.82
C VAL A 4 0.75 0.66 16.42
N GLU A 5 0.15 -0.29 15.71
CA GLU A 5 -0.34 -0.01 14.38
C GLU A 5 -1.38 1.11 14.41
N ALA A 6 -2.28 1.10 15.40
CA ALA A 6 -3.29 2.15 15.49
C ALA A 6 -2.61 3.53 15.57
N THR A 7 -1.59 3.64 16.41
CA THR A 7 -0.87 4.90 16.56
C THR A 7 -0.15 5.30 15.26
N LEU A 8 0.49 4.34 14.59
CA LEU A 8 1.19 4.63 13.33
C LEU A 8 0.24 5.02 12.21
N GLU A 9 -1.02 4.60 12.30
CA GLU A 9 -2.01 4.99 11.29
C GLU A 9 -2.17 6.51 11.37
N VAL A 10 -2.04 7.04 12.58
CA VAL A 10 -2.18 8.47 12.81
C VAL A 10 -0.91 9.28 12.60
N ILE A 11 0.22 8.75 13.04
CA ILE A 11 1.48 9.48 12.94
C ILE A 11 2.58 8.86 12.07
N GLY A 12 2.33 7.68 11.50
CA GLY A 12 3.36 7.03 10.69
C GLY A 12 3.50 7.49 9.25
N GLY A 13 2.44 8.08 8.70
CA GLY A 13 2.49 8.55 7.31
C GLY A 13 3.64 9.52 7.13
N LYS A 14 4.23 9.54 5.94
CA LYS A 14 5.36 10.45 5.69
C LYS A 14 5.00 11.91 5.93
N TRP A 15 5.85 12.59 6.69
CA TRP A 15 5.69 14.00 7.02
C TRP A 15 4.76 14.30 8.19
N LYS A 16 3.83 13.40 8.48
CA LYS A 16 2.86 13.64 9.55
C LYS A 16 3.47 14.09 10.87
N CSU A 17 4.47 13.36 11.34
CA CSU A 17 5.10 13.72 12.60
CB CSU A 17 6.07 12.62 13.04
SG CSU A 17 6.57 12.80 14.75
S CSU A 17 4.92 12.71 15.95
C CSU A 17 5.84 15.06 12.52
O CSU A 17 5.89 15.80 13.50
OD1 CSU A 17 5.35 12.38 17.31
OD2 CSU A 17 4.03 11.66 15.45
OD3 CSU A 17 4.24 13.99 15.96
N VAL A 18 6.43 15.36 11.37
CA VAL A 18 7.15 16.62 11.20
C VAL A 18 6.14 17.76 11.20
N ILE A 19 5.02 17.56 10.52
CA ILE A 19 3.97 18.58 10.46
C ILE A 19 3.55 18.93 11.88
N LEU A 20 3.19 17.90 12.67
CA LEU A 20 2.78 18.12 14.04
C LEU A 20 3.89 18.83 14.80
N CSU A 21 5.14 18.46 14.52
CA CSU A 21 6.28 19.09 15.16
CB CSU A 21 7.58 18.47 14.66
SG CSU A 21 9.06 19.16 15.38
S CSU A 21 9.93 20.42 14.03
C CSU A 21 6.27 20.59 14.89
O CSU A 21 6.37 21.41 15.81
OD1 CSU A 21 10.75 21.40 14.74
OD2 CSU A 21 8.92 21.08 13.24
OD3 CSU A 21 10.79 19.61 13.13
N HIS A 22 6.13 20.97 13.62
CA HIS A 22 6.11 22.38 13.26
C HIS A 22 4.94 23.11 13.92
N LEU A 23 3.80 22.44 14.02
CA LEU A 23 2.61 23.04 14.62
C LEU A 23 2.71 23.25 16.13
N THR A 24 3.72 22.67 16.77
CA THR A 24 3.86 22.85 18.22
C THR A 24 4.28 24.28 18.51
N HIS A 25 4.69 25.00 17.46
CA HIS A 25 5.11 26.38 17.62
C HIS A 25 3.94 27.34 17.44
N GLY A 26 2.86 26.86 16.86
CA GLY A 26 1.69 27.70 16.65
C GLY A 26 0.97 27.40 15.34
N LYS A 27 -0.20 27.99 15.17
CA LYS A 27 -0.98 27.77 13.97
C LYS A 27 -0.22 28.25 12.73
N LYS A 28 -0.49 27.62 11.59
CA LYS A 28 0.17 27.98 10.33
C LYS A 28 -0.71 27.60 9.14
N ARG A 29 -0.57 28.31 8.03
CA ARG A 29 -1.36 27.97 6.84
C ARG A 29 -0.48 27.09 5.97
N THR A 30 -1.08 26.45 4.96
CA THR A 30 -0.30 25.57 4.08
C THR A 30 0.96 26.20 3.49
N SER A 31 0.88 27.47 3.11
CA SER A 31 2.03 28.16 2.52
C SER A 31 3.24 28.19 3.45
N GLU A 32 3.01 28.50 4.72
CA GLU A 32 4.11 28.54 5.68
C GLU A 32 4.72 27.15 5.84
N LEU A 33 3.86 26.15 6.05
CA LEU A 33 4.32 24.77 6.21
C LEU A 33 5.18 24.35 5.03
N LYS A 34 4.83 24.86 3.85
CA LYS A 34 5.59 24.58 2.63
C LYS A 34 7.02 25.11 2.76
N ARG A 35 7.15 26.32 3.30
CA ARG A 35 8.46 26.95 3.49
C ARG A 35 9.31 26.21 4.51
N LEU A 36 8.65 25.65 5.54
CA LEU A 36 9.35 24.93 6.59
C LEU A 36 9.73 23.51 6.19
N MSE A 37 9.00 22.97 5.22
CA MSE A 37 9.22 21.61 4.73
C MSE A 37 9.38 21.71 3.22
O MSE A 37 8.48 21.33 2.46
CB MSE A 37 8.04 20.73 5.11
CG MSE A 37 7.71 20.79 6.60
SE MSE A 37 6.07 19.85 7.05
CE MSE A 37 4.83 21.20 6.48
N PRO A 38 10.54 22.21 2.76
CA PRO A 38 10.89 22.41 1.35
C PRO A 38 10.85 21.18 0.45
N ASN A 39 10.75 20.00 1.04
CA ASN A 39 10.72 18.80 0.20
C ASN A 39 9.36 18.15 0.01
N ILE A 40 8.34 18.65 0.70
CA ILE A 40 7.01 18.05 0.55
C ILE A 40 6.25 18.71 -0.60
N THR A 41 5.53 17.91 -1.37
CA THR A 41 4.75 18.42 -2.50
C THR A 41 3.41 18.97 -2.00
N GLN A 42 2.83 19.89 -2.77
CA GLN A 42 1.56 20.50 -2.41
C GLN A 42 0.48 19.44 -2.22
N LYS A 43 0.44 18.46 -3.12
CA LYS A 43 -0.56 17.40 -3.06
C LYS A 43 -0.38 16.55 -1.80
N MSE A 44 0.86 16.16 -1.51
CA MSE A 44 1.15 15.35 -0.34
C MSE A 44 0.80 16.09 0.96
O MSE A 44 0.17 15.52 1.84
CB MSE A 44 2.63 14.95 -0.34
CG MSE A 44 3.04 14.07 0.83
SE MSE A 44 2.02 12.43 0.92
CE MSE A 44 2.93 11.42 -0.46
N LEU A 45 1.21 17.34 1.07
CA LEU A 45 0.91 18.14 2.26
C LEU A 45 -0.60 18.16 2.45
N THR A 46 -1.32 18.52 1.39
CA THR A 46 -2.78 18.57 1.44
C THR A 46 -3.34 17.25 1.93
N GLN A 47 -2.85 16.14 1.39
CA GLN A 47 -3.30 14.81 1.79
C GLN A 47 -3.10 14.57 3.28
N GLN A 48 -1.88 14.81 3.76
CA GLN A 48 -1.56 14.58 5.16
C GLN A 48 -2.31 15.48 6.14
N LEU A 49 -2.49 16.75 5.79
CA LEU A 49 -3.21 17.65 6.68
C LEU A 49 -4.64 17.16 6.86
N ARG A 50 -5.21 16.59 5.80
CA ARG A 50 -6.57 16.08 5.86
C ARG A 50 -6.68 14.84 6.76
N GLU A 51 -5.70 13.96 6.67
CA GLU A 51 -5.72 12.76 7.49
C GLU A 51 -5.53 13.15 8.96
N LEU A 52 -4.60 14.06 9.20
CA LEU A 52 -4.33 14.52 10.57
C LEU A 52 -5.59 15.16 11.20
N GLU A 53 -6.34 15.89 10.39
CA GLU A 53 -7.56 16.54 10.90
C GLU A 53 -8.60 15.45 11.20
N ALA A 54 -8.74 14.50 10.28
CA ALA A 54 -9.69 13.42 10.44
C ALA A 54 -9.40 12.59 11.70
N ASP A 55 -8.12 12.42 12.03
CA ASP A 55 -7.76 11.65 13.22
C ASP A 55 -7.86 12.49 14.49
N GLY A 56 -8.26 13.75 14.32
CA GLY A 56 -8.43 14.65 15.47
C GLY A 56 -7.21 15.25 16.14
N VAL A 57 -6.03 15.16 15.52
CA VAL A 57 -4.84 15.70 16.16
C VAL A 57 -4.57 17.16 15.79
N ILE A 58 -5.24 17.65 14.76
CA ILE A 58 -5.10 19.05 14.38
C ILE A 58 -6.49 19.57 14.01
N ASN A 59 -6.69 20.87 14.20
CA ASN A 59 -7.95 21.52 13.87
C ASN A 59 -7.67 22.51 12.75
N ARG A 60 -8.57 22.65 11.80
CA ARG A 60 -8.32 23.61 10.75
C ARG A 60 -9.19 24.83 11.04
N ILE A 61 -8.57 26.00 10.92
CA ILE A 61 -9.21 27.28 11.20
C ILE A 61 -9.51 28.03 9.90
N VAL A 62 -10.79 28.13 9.57
CA VAL A 62 -11.22 28.80 8.35
C VAL A 62 -11.57 30.26 8.58
N TYR A 63 -10.83 31.16 7.94
CA TYR A 63 -11.07 32.60 8.05
C TYR A 63 -11.96 33.05 6.91
N ASN A 64 -13.24 33.26 7.21
CA ASN A 64 -14.19 33.71 6.22
C ASN A 64 -14.04 35.22 6.10
N GLN A 65 -13.08 35.63 5.29
CA GLN A 65 -12.76 37.02 5.05
C GLN A 65 -12.34 37.19 3.60
N VAL A 66 -11.87 38.38 3.26
CA VAL A 66 -11.40 38.67 1.90
C VAL A 66 -9.99 39.21 1.99
N PRO A 67 -8.99 38.47 1.48
CA PRO A 67 -9.11 37.15 0.83
C PRO A 67 -9.27 36.01 1.82
N PRO A 68 -9.99 34.94 1.42
CA PRO A 68 -10.22 33.77 2.29
C PRO A 68 -8.87 33.17 2.68
N LYS A 69 -8.78 32.65 3.90
CA LYS A 69 -7.53 32.08 4.40
C LYS A 69 -7.80 30.97 5.42
N VAL A 70 -6.97 29.93 5.38
CA VAL A 70 -7.13 28.79 6.27
C VAL A 70 -5.83 28.43 6.99
N GLU A 71 -5.94 28.22 8.30
CA GLU A 71 -4.77 27.85 9.10
C GLU A 71 -5.01 26.54 9.84
N TYR A 72 -3.93 25.94 10.34
CA TYR A 72 -4.00 24.67 11.06
C TYR A 72 -3.33 24.80 12.42
N GLU A 73 -3.91 24.17 13.44
CA GLU A 73 -3.36 24.23 14.77
C GLU A 73 -3.40 22.84 15.41
N LEU A 74 -2.48 22.60 16.34
CA LEU A 74 -2.42 21.34 17.05
C LEU A 74 -3.62 21.32 18.00
N SER A 75 -4.51 20.35 17.83
CA SER A 75 -5.67 20.26 18.70
C SER A 75 -5.22 19.87 20.09
N GLU A 76 -6.11 20.00 21.07
CA GLU A 76 -5.79 19.63 22.44
C GLU A 76 -5.38 18.16 22.49
N TYR A 77 -6.09 17.34 21.72
CA TYR A 77 -5.80 15.91 21.66
C TYR A 77 -4.43 15.70 21.03
N GLY A 78 -4.14 16.45 19.97
CA GLY A 78 -2.85 16.34 19.30
C GLY A 78 -1.73 16.64 20.28
N ARG A 79 -1.98 17.54 21.22
CA ARG A 79 -1.01 17.92 22.22
C ARG A 79 -0.57 16.71 23.06
N SER A 80 -1.43 15.69 23.14
CA SER A 80 -1.10 14.51 23.94
C SER A 80 0.00 13.65 23.33
N LEU A 81 0.55 14.09 22.20
CA LEU A 81 1.63 13.35 21.54
C LEU A 81 2.98 13.99 21.87
N GLU A 82 2.95 15.13 22.54
CA GLU A 82 4.18 15.84 22.89
C GLU A 82 5.17 14.99 23.68
N GLY A 83 4.66 14.12 24.55
CA GLY A 83 5.54 13.27 25.33
C GLY A 83 6.29 12.28 24.47
N ILE A 84 5.60 11.70 23.49
CA ILE A 84 6.22 10.75 22.58
C ILE A 84 7.28 11.51 21.77
N LEU A 85 6.95 12.73 21.37
CA LEU A 85 7.87 13.54 20.59
C LEU A 85 9.13 13.81 21.43
N ASP A 86 8.95 14.14 22.70
CA ASP A 86 10.10 14.40 23.59
C ASP A 86 11.04 13.19 23.69
N MSE A 87 10.48 12.00 23.89
CA MSE A 87 11.26 10.78 23.99
C MSE A 87 11.92 10.45 22.64
O MSE A 87 13.09 10.02 22.59
CB MSE A 87 10.37 9.64 24.50
CG MSE A 87 9.98 9.77 25.98
CG MSE A 87 11.07 8.40 25.06
SE MSE A 87 11.53 9.92 27.17
SE MSE A 87 9.93 7.08 25.98
CE MSE A 87 11.64 11.84 27.31
CE MSE A 87 9.69 7.98 27.70
N LEU A 88 11.21 10.66 21.54
CA LEU A 88 11.77 10.40 20.22
C LEU A 88 13.03 11.22 19.98
N CSU A 89 12.94 12.51 20.30
CA CSU A 89 14.08 13.40 20.12
CB CSU A 89 13.63 14.85 20.31
SG CSU A 89 12.50 15.42 19.01
C CSU A 89 15.20 13.03 21.08
O CSU A 89 16.37 13.04 20.70
N ALA A 90 14.85 12.70 22.31
CA ALA A 90 15.84 12.30 23.31
C ALA A 90 16.61 11.09 22.79
N TRP A 91 15.88 10.12 22.25
CA TRP A 91 16.50 8.90 21.70
C TRP A 91 17.30 9.21 20.44
N GLY A 92 16.74 10.06 19.58
CA GLY A 92 17.44 10.42 18.36
C GLY A 92 18.75 11.15 18.65
N ALA A 93 18.73 12.04 19.63
CA ALA A 93 19.95 12.78 19.98
C ALA A 93 21.05 11.83 20.43
N ASN A 94 20.69 10.84 21.24
CA ASN A 94 21.66 9.86 21.72
C ASN A 94 22.15 8.99 20.57
N HIS A 95 21.29 8.75 19.59
CA HIS A 95 21.63 7.94 18.44
C HIS A 95 22.61 8.58 17.46
N ILE A 96 22.28 9.79 17.00
CA ILE A 96 23.12 10.50 16.03
C ILE A 96 24.48 10.86 16.59
N ASN A 97 24.51 11.34 17.82
CA ASN A 97 25.76 11.69 18.46
C ASN A 97 26.42 10.38 18.87
N ARG A 98 26.17 9.35 18.07
CA ARG A 98 26.71 8.01 18.28
C ARG A 98 26.35 7.41 19.63
N MSE B 1 18.41 19.93 7.96
CA MSE B 1 17.50 18.96 8.57
C MSE B 1 17.46 19.12 10.09
O MSE B 1 18.31 19.79 10.68
CB MSE B 1 17.93 17.55 8.21
CG MSE B 1 17.01 16.51 8.80
SE MSE B 1 17.88 14.83 8.83
CE MSE B 1 16.85 13.94 7.45
N SER B 2 16.50 18.48 10.73
CA SER B 2 16.35 18.57 12.18
C SER B 2 16.53 17.24 12.89
N LEU B 3 16.65 17.31 14.22
CA LEU B 3 16.81 16.13 15.03
C LEU B 3 15.61 15.19 14.83
N VAL B 4 14.42 15.76 14.84
CA VAL B 4 13.20 14.98 14.65
C VAL B 4 13.23 14.25 13.31
N GLU B 5 13.55 15.00 12.26
CA GLU B 5 13.61 14.40 10.93
C GLU B 5 14.67 13.32 10.88
N ALA B 6 15.82 13.59 11.50
CA ALA B 6 16.92 12.64 11.52
C ALA B 6 16.52 11.35 12.23
N THR B 7 15.87 11.50 13.38
CA THR B 7 15.46 10.33 14.15
C THR B 7 14.39 9.50 13.44
N LEU B 8 13.49 10.17 12.72
CA LEU B 8 12.42 9.49 12.01
C LEU B 8 12.99 8.56 10.93
N GLU B 9 14.17 8.93 10.41
CA GLU B 9 14.85 8.15 9.39
C GLU B 9 15.26 6.80 9.98
N VAL B 10 15.42 6.76 11.30
CA VAL B 10 15.83 5.53 11.98
C VAL B 10 14.65 4.72 12.47
N ILE B 11 13.67 5.38 13.07
CA ILE B 11 12.53 4.67 13.63
C ILE B 11 11.17 5.16 13.18
N GLY B 12 11.14 5.99 12.15
CA GLY B 12 9.87 6.50 11.65
C GLY B 12 9.24 5.60 10.62
N GLY B 13 8.10 6.02 10.08
CA GLY B 13 7.43 5.21 9.08
C GLY B 13 6.34 4.37 9.72
N LYS B 14 5.61 3.63 8.92
CA LYS B 14 4.54 2.82 9.47
C LYS B 14 4.92 1.36 9.67
N TRP B 15 6.19 1.02 9.43
CA TRP B 15 6.61 -0.39 9.55
C TRP B 15 7.60 -0.77 10.64
N LYS B 16 8.66 0.01 10.80
CA LYS B 16 9.69 -0.30 11.77
C LYS B 16 9.21 -0.62 13.18
N CSU B 17 8.38 0.26 13.75
CA CSU B 17 7.87 0.02 15.10
CB CSU B 17 7.03 1.21 15.57
SG CSU B 17 8.03 2.65 15.82
S CSU B 17 9.48 2.16 17.15
C CSU B 17 7.06 -1.28 15.19
O CSU B 17 7.06 -1.95 16.21
OD1 CSU B 17 10.75 2.81 16.82
OD2 CSU B 17 9.67 0.72 17.21
OD3 CSU B 17 9.02 2.64 18.48
N VAL B 18 6.35 -1.61 14.11
CA VAL B 18 5.57 -2.83 14.11
C VAL B 18 6.54 -4.01 14.12
N ILE B 19 7.57 -3.93 13.29
CA ILE B 19 8.57 -4.98 13.22
C ILE B 19 9.20 -5.18 14.60
N LEU B 20 9.65 -4.07 15.20
CA LEU B 20 10.27 -4.15 16.51
C LEU B 20 9.28 -4.71 17.54
N CSU B 21 8.02 -4.33 17.45
CA CSU B 21 7.02 -4.85 18.39
CB CSU B 21 5.64 -4.28 18.07
SG CSU B 21 4.30 -4.96 19.10
S CSU B 21 3.46 -6.53 18.12
C CSU B 21 7.02 -6.38 18.30
O CSU B 21 7.09 -7.08 19.32
OD1 CSU B 21 2.25 -6.96 18.85
OD2 CSU B 21 4.39 -7.65 18.06
OD3 CSU B 21 3.07 -6.13 16.77
N HIS B 22 6.96 -6.90 17.07
CA HIS B 22 6.96 -8.34 16.88
C HIS B 22 8.24 -8.97 17.45
N LEU B 23 9.37 -8.31 17.24
CA LEU B 23 10.63 -8.85 17.75
C LEU B 23 10.81 -8.75 19.26
N THR B 24 10.03 -7.90 19.93
CA THR B 24 10.15 -7.77 21.38
C THR B 24 9.69 -9.05 22.07
N HIS B 25 8.89 -9.83 21.36
CA HIS B 25 8.38 -11.08 21.90
C HIS B 25 9.08 -12.30 21.27
N GLY B 26 10.28 -12.10 20.75
CA GLY B 26 11.02 -13.21 20.17
C GLY B 26 11.56 -13.03 18.77
N LYS B 27 12.65 -13.72 18.50
CA LYS B 27 13.32 -13.68 17.20
C LYS B 27 12.36 -14.22 16.15
N LYS B 28 12.46 -13.68 14.93
CA LYS B 28 11.61 -14.13 13.84
C LYS B 28 12.30 -14.11 12.49
N ARG B 29 11.87 -15.01 11.62
CA ARG B 29 12.43 -15.09 10.28
C ARG B 29 11.64 -14.07 9.47
N THR B 30 12.12 -13.75 8.28
CA THR B 30 11.42 -12.78 7.46
C THR B 30 10.04 -13.34 7.10
N SER B 31 9.95 -14.65 6.87
CA SER B 31 8.68 -15.28 6.53
C SER B 31 7.63 -15.12 7.64
N GLU B 32 8.08 -15.16 8.88
CA GLU B 32 7.16 -15.00 10.01
C GLU B 32 6.69 -13.56 10.06
N LEU B 33 7.62 -12.63 9.84
CA LEU B 33 7.27 -11.23 9.85
C LEU B 33 6.31 -10.92 8.70
N LYS B 34 6.58 -11.51 7.54
CA LYS B 34 5.72 -11.29 6.38
C LYS B 34 4.29 -11.76 6.69
N ARG B 35 4.19 -12.94 7.29
CA ARG B 35 2.90 -13.52 7.66
C ARG B 35 2.12 -12.59 8.57
N LEU B 36 2.79 -12.10 9.61
CA LEU B 36 2.20 -11.19 10.59
C LEU B 36 1.93 -9.78 10.07
N MSE B 37 2.47 -9.45 8.91
CA MSE B 37 2.29 -8.11 8.37
C MSE B 37 1.80 -8.13 6.91
O MSE B 37 2.55 -7.80 6.00
CB MSE B 37 3.62 -7.35 8.46
CG MSE B 37 4.21 -7.34 9.87
SE MSE B 37 5.94 -6.42 9.96
CE MSE B 37 5.31 -4.65 9.51
N PRO B 38 0.54 -8.51 6.70
CA PRO B 38 -0.09 -8.60 5.37
C PRO B 38 -0.11 -7.31 4.54
N ASN B 39 -0.02 -6.15 5.18
CA ASN B 39 -0.05 -4.89 4.45
C ASN B 39 1.29 -4.47 3.84
N ILE B 40 2.35 -5.24 4.11
CA ILE B 40 3.66 -4.87 3.57
C ILE B 40 4.12 -5.90 2.53
N THR B 41 4.82 -5.44 1.49
CA THR B 41 5.31 -6.38 0.48
C THR B 41 6.62 -6.96 0.98
N GLN B 42 7.03 -8.09 0.40
CA GLN B 42 8.27 -8.72 0.79
C GLN B 42 9.43 -7.75 0.55
N LYS B 43 9.39 -7.08 -0.61
CA LYS B 43 10.42 -6.12 -0.95
C LYS B 43 10.56 -5.02 0.09
N MSE B 44 9.44 -4.42 0.49
CA MSE B 44 9.53 -3.35 1.47
C MSE B 44 9.97 -3.86 2.84
O MSE B 44 10.69 -3.18 3.56
CB MSE B 44 8.20 -2.62 1.62
CG MSE B 44 8.28 -1.39 2.54
SE MSE B 44 6.81 -0.26 2.13
SE MSE B 44 9.40 0.09 1.88
CE MSE B 44 7.55 0.69 0.57
CE MSE B 44 11.15 -0.36 2.55
N LEU B 45 9.51 -5.05 3.20
CA LEU B 45 9.88 -5.64 4.48
C LEU B 45 11.40 -5.84 4.54
N THR B 46 11.97 -6.41 3.49
CA THR B 46 13.41 -6.64 3.43
C THR B 46 14.15 -5.31 3.55
N GLN B 47 13.65 -4.29 2.86
CA GLN B 47 14.30 -2.99 2.90
C GLN B 47 14.24 -2.40 4.32
N GLN B 48 13.10 -2.56 4.99
CA GLN B 48 12.97 -2.04 6.36
C GLN B 48 13.97 -2.77 7.27
N LEU B 49 14.09 -4.08 7.09
CA LEU B 49 15.01 -4.89 7.91
C LEU B 49 16.47 -4.48 7.69
N ARG B 50 16.83 -4.19 6.45
CA ARG B 50 18.21 -3.79 6.17
C ARG B 50 18.56 -2.43 6.79
N GLU B 51 17.59 -1.54 6.83
CA GLU B 51 17.80 -0.21 7.42
C GLU B 51 17.95 -0.36 8.94
N LEU B 52 17.06 -1.15 9.55
CA LEU B 52 17.12 -1.37 10.99
C LEU B 52 18.44 -2.04 11.37
N GLU B 53 18.94 -2.96 10.52
CA GLU B 53 20.21 -3.62 10.82
C GLU B 53 21.32 -2.57 10.73
N ALA B 54 21.30 -1.81 9.63
CA ALA B 54 22.30 -0.76 9.42
C ALA B 54 22.37 0.19 10.62
N ASP B 55 21.22 0.53 11.18
CA ASP B 55 21.18 1.43 12.32
C ASP B 55 21.51 0.78 13.66
N GLY B 56 21.81 -0.52 13.62
CA GLY B 56 22.17 -1.23 14.83
C GLY B 56 21.04 -1.57 15.77
N VAL B 57 19.79 -1.44 15.29
CA VAL B 57 18.61 -1.72 16.11
C VAL B 57 18.22 -3.19 16.18
N ILE B 58 18.55 -3.95 15.14
CA ILE B 58 18.26 -5.40 15.14
C ILE B 58 19.49 -6.11 14.62
N ASN B 59 19.64 -7.38 15.00
CA ASN B 59 20.74 -8.21 14.58
C ASN B 59 20.22 -9.27 13.62
N ARG B 60 20.99 -9.53 12.57
CA ARG B 60 20.62 -10.52 11.57
C ARG B 60 21.39 -11.80 11.93
N ILE B 61 20.65 -12.87 12.19
CA ILE B 61 21.24 -14.16 12.58
C ILE B 61 21.13 -15.17 11.45
N VAL B 62 22.27 -15.64 10.96
CA VAL B 62 22.29 -16.58 9.86
C VAL B 62 22.72 -17.99 10.28
N TYR B 63 21.79 -18.93 10.16
CA TYR B 63 22.06 -20.32 10.51
C TYR B 63 22.65 -21.01 9.27
N ASN B 64 23.89 -21.48 9.40
CA ASN B 64 24.56 -22.15 8.29
C ASN B 64 24.00 -23.55 8.08
N GLN B 65 22.78 -23.61 7.56
CA GLN B 65 22.12 -24.89 7.32
C GLN B 65 21.33 -24.88 6.02
N VAL B 66 20.82 -26.05 5.64
CA VAL B 66 20.03 -26.18 4.43
C VAL B 66 18.69 -26.83 4.77
N PRO B 67 17.58 -26.21 4.34
CA PRO B 67 17.52 -24.97 3.57
C PRO B 67 18.00 -23.79 4.41
N PRO B 68 18.26 -22.64 3.78
CA PRO B 68 18.74 -21.46 4.52
C PRO B 68 17.77 -21.06 5.64
N LYS B 69 18.31 -20.40 6.65
CA LYS B 69 17.52 -19.94 7.79
C LYS B 69 18.13 -18.65 8.33
N VAL B 70 17.33 -17.59 8.30
CA VAL B 70 17.76 -16.29 8.78
C VAL B 70 16.71 -15.76 9.75
N GLU B 71 17.18 -15.28 10.89
CA GLU B 71 16.28 -14.75 11.90
C GLU B 71 16.76 -13.38 12.34
N TYR B 72 15.83 -12.57 12.82
CA TYR B 72 16.14 -11.22 13.27
C TYR B 72 15.78 -11.12 14.73
N GLU B 73 16.59 -10.38 15.47
CA GLU B 73 16.36 -10.20 16.90
C GLU B 73 16.63 -8.74 17.22
N LEU B 74 15.99 -8.24 18.27
CA LEU B 74 16.22 -6.88 18.71
C LEU B 74 17.61 -6.93 19.33
N SER B 75 18.49 -6.00 18.95
CA SER B 75 19.84 -5.95 19.49
C SER B 75 19.78 -5.35 20.89
N GLU B 76 20.90 -5.39 21.62
CA GLU B 76 20.93 -4.82 22.97
C GLU B 76 20.53 -3.35 22.85
N TYR B 77 21.10 -2.66 21.86
CA TYR B 77 20.81 -1.25 21.62
C TYR B 77 19.33 -1.05 21.26
N GLY B 78 18.80 -1.94 20.44
CA GLY B 78 17.41 -1.86 20.03
C GLY B 78 16.44 -1.91 21.19
N ARG B 79 16.83 -2.60 22.25
CA ARG B 79 16.00 -2.71 23.45
C ARG B 79 15.74 -1.33 24.08
N SER B 80 16.62 -0.37 23.80
CA SER B 80 16.45 0.96 24.37
C SER B 80 15.25 1.69 23.78
N LEU B 81 14.57 1.06 22.83
CA LEU B 81 13.39 1.64 22.21
C LEU B 81 12.09 1.13 22.85
N GLU B 82 12.23 0.24 23.82
CA GLU B 82 11.05 -0.31 24.47
C GLU B 82 10.17 0.75 25.15
N GLY B 83 10.81 1.74 25.76
CA GLY B 83 10.05 2.79 26.41
C GLY B 83 9.15 3.54 25.44
N ILE B 84 9.70 3.87 24.28
CA ILE B 84 8.93 4.58 23.25
C ILE B 84 7.85 3.64 22.71
N LEU B 85 8.18 2.36 22.54
CA LEU B 85 7.21 1.40 22.04
C LEU B 85 6.02 1.34 23.00
N ASP B 86 6.30 1.30 24.30
CA ASP B 86 5.23 1.24 25.28
C ASP B 86 4.34 2.48 25.20
N MSE B 87 4.95 3.64 25.00
CA MSE B 87 4.19 4.88 24.91
C MSE B 87 3.28 4.85 23.69
O MSE B 87 2.14 5.29 23.75
CB MSE B 87 5.11 6.10 24.81
CG MSE B 87 5.81 6.47 26.10
SE MSE B 87 6.63 8.23 25.96
CE MSE B 87 5.15 9.31 26.53
N LEU B 88 3.80 4.35 22.58
CA LEU B 88 3.02 4.29 21.34
C LEU B 88 1.82 3.38 21.56
N CSU B 89 2.05 2.24 22.20
CA CSU B 89 0.96 1.30 22.48
CB CSU B 89 1.50 0.02 23.12
SG CSU B 89 2.36 -1.00 21.94
S CSU B 89 3.73 -2.12 22.94
C CSU B 89 -0.09 1.93 23.38
O CSU B 89 -1.29 1.80 23.15
OD1 CSU B 89 4.32 -3.15 22.07
OD2 CSU B 89 3.07 -2.76 24.09
OD3 CSU B 89 4.80 -1.24 23.45
N ALA B 90 0.36 2.62 24.42
CA ALA B 90 -0.57 3.28 25.33
C ALA B 90 -1.40 4.33 24.61
N TRP B 91 -0.75 5.10 23.74
CA TRP B 91 -1.45 6.15 23.00
C TRP B 91 -2.47 5.54 22.04
N GLY B 92 -2.10 4.41 21.45
CA GLY B 92 -2.97 3.74 20.50
C GLY B 92 -4.20 3.15 21.18
N ALA B 93 -4.03 2.69 22.42
CA ALA B 93 -5.12 2.12 23.19
C ALA B 93 -6.16 3.22 23.38
N ASN B 94 -5.71 4.38 23.84
CA ASN B 94 -6.63 5.50 24.04
C ASN B 94 -7.29 5.93 22.75
N HIS B 95 -6.53 5.95 21.66
CA HIS B 95 -7.04 6.37 20.37
C HIS B 95 -8.18 5.48 19.88
N ILE B 96 -7.99 4.16 19.97
CA ILE B 96 -9.00 3.20 19.55
C ILE B 96 -10.32 3.47 20.28
N ASN B 97 -10.22 3.90 21.54
CA ASN B 97 -11.41 4.20 22.33
C ASN B 97 -12.03 5.54 21.94
N ARG B 98 -11.29 6.35 21.19
CA ARG B 98 -11.75 7.67 20.77
C ARG B 98 -12.71 7.69 19.59
N MSE C 1 -0.75 1.79 -26.36
CA MSE C 1 -0.51 0.77 -25.33
C MSE C 1 0.23 1.38 -24.15
O MSE C 1 1.45 1.47 -24.15
CB MSE C 1 0.31 -0.38 -25.92
CG MSE C 1 0.78 -1.43 -24.90
SE MSE C 1 -0.53 -2.82 -24.48
CE MSE C 1 -0.13 -4.05 -25.91
N SER C 2 -0.52 1.80 -23.14
CA SER C 2 0.06 2.38 -21.94
C SER C 2 0.77 1.29 -21.13
N LEU C 3 1.52 1.71 -20.11
CA LEU C 3 2.23 0.74 -19.28
C LEU C 3 1.22 -0.14 -18.56
N VAL C 4 0.16 0.47 -18.04
CA VAL C 4 -0.85 -0.29 -17.32
C VAL C 4 -1.52 -1.31 -18.23
N GLU C 5 -1.79 -0.94 -19.47
CA GLU C 5 -2.40 -1.88 -20.42
C GLU C 5 -1.47 -3.05 -20.70
N ALA C 6 -0.17 -2.77 -20.74
CA ALA C 6 0.82 -3.82 -20.99
C ALA C 6 0.72 -4.87 -19.88
N THR C 7 0.66 -4.42 -18.64
CA THR C 7 0.56 -5.33 -17.52
C THR C 7 -0.76 -6.09 -17.55
N LEU C 8 -1.83 -5.40 -17.93
CA LEU C 8 -3.17 -5.99 -18.02
C LEU C 8 -3.30 -7.06 -19.10
N GLU C 9 -2.48 -6.99 -20.14
CA GLU C 9 -2.56 -8.00 -21.19
C GLU C 9 -2.07 -9.33 -20.60
N VAL C 10 -1.23 -9.25 -19.58
CA VAL C 10 -0.70 -10.45 -18.94
C VAL C 10 -1.55 -10.98 -17.78
N ILE C 11 -1.97 -10.10 -16.87
CA ILE C 11 -2.75 -10.52 -15.72
C ILE C 11 -4.21 -10.04 -15.69
N GLY C 12 -4.68 -9.42 -16.77
CA GLY C 12 -6.04 -8.92 -16.79
C GLY C 12 -7.11 -9.91 -17.22
N GLY C 13 -6.72 -10.89 -18.04
CA GLY C 13 -7.66 -11.88 -18.53
C GLY C 13 -8.37 -12.59 -17.38
N LYS C 14 -9.64 -12.89 -17.57
CA LYS C 14 -10.40 -13.54 -16.52
C LYS C 14 -9.73 -14.82 -16.04
N TRP C 15 -9.54 -14.91 -14.72
CA TRP C 15 -8.93 -16.07 -14.06
C TRP C 15 -7.41 -16.07 -13.93
N LYS C 16 -6.72 -15.28 -14.75
CA LYS C 16 -5.26 -15.30 -14.71
C LYS C 16 -4.65 -14.95 -13.38
N CSU C 17 -5.19 -13.94 -12.71
CA CSU C 17 -4.64 -13.58 -11.43
CB CSU C 17 -5.21 -12.23 -10.98
SG CSU C 17 -4.21 -11.44 -9.75
S CSU C 17 -2.29 -11.32 -10.39
C CSU C 17 -4.96 -14.67 -10.40
O CSU C 17 -4.18 -14.93 -9.49
OD1 CSU C 17 -1.69 -10.06 -9.89
OD2 CSU C 17 -2.30 -11.35 -11.85
OD3 CSU C 17 -1.50 -12.46 -9.89
N VAL C 18 -6.12 -15.31 -10.53
CA VAL C 18 -6.50 -16.37 -9.60
C VAL C 18 -5.55 -17.57 -9.75
N ILE C 19 -5.28 -17.96 -10.98
CA ILE C 19 -4.37 -19.06 -11.25
C ILE C 19 -3.01 -18.79 -10.61
N LEU C 20 -2.46 -17.61 -10.88
CA LEU C 20 -1.16 -17.23 -10.31
C LEU C 20 -1.19 -17.32 -8.79
N CSU C 21 -2.28 -16.87 -8.19
CA CSU C 21 -2.39 -16.91 -6.74
CB CSU C 21 -3.73 -16.31 -6.30
SG CSU C 21 -4.03 -16.43 -4.54
S CSU C 21 -5.05 -18.16 -4.20
C CSU C 21 -2.26 -18.35 -6.22
O CSU C 21 -1.62 -18.59 -5.19
OD1 CSU C 21 -5.82 -18.04 -2.95
OD2 CSU C 21 -4.11 -19.27 -4.09
OD3 CSU C 21 -5.96 -18.41 -5.33
N HIS C 22 -2.87 -19.29 -6.91
CA HIS C 22 -2.82 -20.69 -6.51
C HIS C 22 -1.41 -21.27 -6.64
N LEU C 23 -0.71 -20.89 -7.71
CA LEU C 23 0.64 -21.38 -7.95
C LEU C 23 1.63 -20.80 -6.96
N THR C 24 1.28 -19.64 -6.42
CA THR C 24 2.11 -18.97 -5.43
C THR C 24 2.29 -19.92 -4.25
N HIS C 25 1.37 -20.86 -4.14
CA HIS C 25 1.40 -21.84 -3.07
C HIS C 25 2.09 -23.14 -3.49
N GLY C 26 2.66 -23.15 -4.69
CA GLY C 26 3.35 -24.34 -5.15
C GLY C 26 2.86 -24.90 -6.46
N LYS C 27 3.65 -25.81 -7.04
CA LYS C 27 3.31 -26.45 -8.30
C LYS C 27 1.91 -27.06 -8.22
N LYS C 28 1.25 -27.18 -9.36
CA LYS C 28 -0.09 -27.76 -9.42
C LYS C 28 -0.40 -28.29 -10.80
N ARG C 29 -1.13 -29.39 -10.86
CA ARG C 29 -1.52 -29.99 -12.14
C ARG C 29 -2.83 -29.33 -12.57
N THR C 30 -3.14 -29.38 -13.87
CA THR C 30 -4.37 -28.78 -14.38
C THR C 30 -5.59 -29.22 -13.60
N SER C 31 -5.64 -30.50 -13.22
CA SER C 31 -6.79 -31.03 -12.48
C SER C 31 -6.91 -30.47 -11.07
N GLU C 32 -5.77 -30.15 -10.45
CA GLU C 32 -5.79 -29.57 -9.11
C GLU C 32 -6.35 -28.16 -9.21
N LEU C 33 -5.84 -27.38 -10.17
CA LEU C 33 -6.32 -26.02 -10.36
C LEU C 33 -7.82 -26.07 -10.65
N LYS C 34 -8.22 -27.05 -11.47
CA LYS C 34 -9.62 -27.25 -11.84
C LYS C 34 -10.50 -27.45 -10.60
N ARG C 35 -10.01 -28.23 -9.65
CA ARG C 35 -10.74 -28.51 -8.42
C ARG C 35 -10.83 -27.26 -7.50
N LEU C 36 -9.79 -26.43 -7.52
CA LEU C 36 -9.75 -25.23 -6.71
C LEU C 36 -10.54 -24.09 -7.36
N MSE C 37 -10.75 -24.20 -8.67
CA MSE C 37 -11.47 -23.17 -9.41
C MSE C 37 -12.67 -23.82 -10.08
O MSE C 37 -12.69 -24.01 -11.30
CB MSE C 37 -10.51 -22.57 -10.45
CG MSE C 37 -9.23 -22.03 -9.84
SE MSE C 37 -7.98 -21.41 -11.17
CE MSE C 37 -9.03 -19.96 -11.85
N PRO C 38 -13.70 -24.15 -9.30
CA PRO C 38 -14.93 -24.81 -9.78
C PRO C 38 -15.75 -24.05 -10.81
N ASN C 39 -15.49 -22.76 -11.00
CA ASN C 39 -16.26 -21.99 -11.95
C ASN C 39 -15.62 -21.76 -13.31
N ILE C 40 -14.42 -22.29 -13.53
CA ILE C 40 -13.76 -22.12 -14.83
C ILE C 40 -13.92 -23.41 -15.62
N THR C 41 -14.09 -23.30 -16.94
CA THR C 41 -14.23 -24.48 -17.79
C THR C 41 -12.86 -25.02 -18.17
N GLN C 42 -12.83 -26.25 -18.72
CA GLN C 42 -11.58 -26.85 -19.15
C GLN C 42 -11.01 -26.03 -20.30
N LYS C 43 -11.88 -25.58 -21.19
CA LYS C 43 -11.46 -24.78 -22.34
C LYS C 43 -10.81 -23.47 -21.90
N MSE C 44 -11.42 -22.80 -20.95
CA MSE C 44 -10.90 -21.53 -20.48
C MSE C 44 -9.64 -21.67 -19.64
O MSE C 44 -8.73 -20.85 -19.73
CB MSE C 44 -11.97 -20.77 -19.70
CG MSE C 44 -11.55 -19.39 -19.25
SE MSE C 44 -11.11 -18.16 -20.69
CE MSE C 44 -11.61 -19.20 -22.25
N LEU C 45 -9.59 -22.71 -18.82
CA LEU C 45 -8.42 -22.92 -17.98
C LEU C 45 -7.19 -23.20 -18.85
N THR C 46 -7.35 -24.12 -19.80
CA THR C 46 -6.24 -24.48 -20.68
C THR C 46 -5.82 -23.30 -21.53
N GLN C 47 -6.78 -22.48 -21.93
CA GLN C 47 -6.49 -21.30 -22.74
C GLN C 47 -5.68 -20.28 -21.94
N GLN C 48 -6.08 -20.08 -20.69
CA GLN C 48 -5.41 -19.11 -19.82
C GLN C 48 -4.01 -19.56 -19.42
N LEU C 49 -3.81 -20.85 -19.24
CA LEU C 49 -2.49 -21.36 -18.87
C LEU C 49 -1.53 -21.19 -20.05
N ARG C 50 -2.03 -21.37 -21.26
CA ARG C 50 -1.20 -21.22 -22.46
C ARG C 50 -0.75 -19.76 -22.59
N GLU C 51 -1.65 -18.83 -22.31
CA GLU C 51 -1.32 -17.42 -22.40
C GLU C 51 -0.34 -17.00 -21.31
N LEU C 52 -0.53 -17.53 -20.11
CA LEU C 52 0.36 -17.21 -18.99
C LEU C 52 1.77 -17.75 -19.27
N GLU C 53 1.84 -18.93 -19.89
CA GLU C 53 3.12 -19.54 -20.23
C GLU C 53 3.77 -18.72 -21.34
N ALA C 54 2.98 -18.32 -22.32
CA ALA C 54 3.49 -17.53 -23.44
C ALA C 54 4.06 -16.21 -22.94
N ASP C 55 3.47 -15.67 -21.87
CA ASP C 55 3.95 -14.41 -21.31
C ASP C 55 5.12 -14.62 -20.35
N GLY C 56 5.51 -15.87 -20.17
CA GLY C 56 6.64 -16.19 -19.32
C GLY C 56 6.46 -16.13 -17.81
N VAL C 57 5.22 -15.99 -17.33
CA VAL C 57 5.01 -15.92 -15.88
C VAL C 57 4.85 -17.28 -15.21
N ILE C 58 4.66 -18.34 -16.00
CA ILE C 58 4.58 -19.70 -15.45
C ILE C 58 5.37 -20.65 -16.36
N ASN C 59 5.80 -21.76 -15.80
CA ASN C 59 6.54 -22.79 -16.53
C ASN C 59 5.72 -24.07 -16.53
N ARG C 60 5.65 -24.74 -17.67
CA ARG C 60 4.91 -25.98 -17.74
C ARG C 60 5.89 -27.14 -17.48
N ILE C 61 5.51 -28.02 -16.57
CA ILE C 61 6.34 -29.16 -16.20
C ILE C 61 5.69 -30.45 -16.67
N VAL C 62 6.36 -31.15 -17.59
CA VAL C 62 5.83 -32.38 -18.14
C VAL C 62 6.45 -33.64 -17.52
N TYR C 63 5.60 -34.42 -16.86
CA TYR C 63 6.01 -35.67 -16.24
C TYR C 63 5.69 -36.79 -17.20
N ASN C 64 6.71 -37.36 -17.83
CA ASN C 64 6.49 -38.44 -18.78
C ASN C 64 5.95 -39.70 -18.12
N GLN C 65 4.63 -39.72 -17.93
CA GLN C 65 3.95 -40.85 -17.32
C GLN C 65 2.48 -40.86 -17.76
N LYS C 69 0.78 -36.52 -16.85
CA LYS C 69 0.73 -35.60 -15.72
C LYS C 69 1.50 -34.32 -16.05
N VAL C 70 0.80 -33.20 -16.03
CA VAL C 70 1.41 -31.91 -16.33
C VAL C 70 1.15 -30.95 -15.19
N GLU C 71 2.22 -30.32 -14.71
CA GLU C 71 2.09 -29.38 -13.61
C GLU C 71 2.61 -28.02 -14.05
N TYR C 72 2.19 -26.99 -13.35
CA TYR C 72 2.60 -25.63 -13.64
C TYR C 72 3.17 -25.03 -12.38
N GLU C 73 4.18 -24.19 -12.55
CA GLU C 73 4.83 -23.53 -11.44
C GLU C 73 5.03 -22.08 -11.82
N LEU C 74 5.05 -21.22 -10.82
CA LEU C 74 5.27 -19.80 -11.03
C LEU C 74 6.75 -19.71 -11.46
N SER C 75 7.02 -19.01 -12.56
CA SER C 75 8.42 -18.89 -13.02
C SER C 75 9.10 -17.83 -12.16
N GLU C 76 10.42 -17.69 -12.32
CA GLU C 76 11.15 -16.69 -11.54
C GLU C 76 10.56 -15.33 -11.88
N TYR C 77 10.33 -15.11 -13.16
CA TYR C 77 9.77 -13.85 -13.63
C TYR C 77 8.34 -13.68 -13.11
N GLY C 78 7.58 -14.77 -13.05
CA GLY C 78 6.22 -14.71 -12.55
C GLY C 78 6.19 -14.29 -11.09
N ARG C 79 7.23 -14.67 -10.36
CA ARG C 79 7.33 -14.34 -8.95
C ARG C 79 7.44 -12.83 -8.72
N SER C 80 7.81 -12.09 -9.77
CA SER C 80 7.94 -10.64 -9.63
C SER C 80 6.57 -9.98 -9.51
N LEU C 81 5.51 -10.79 -9.59
CA LEU C 81 4.13 -10.31 -9.48
C LEU C 81 3.58 -10.50 -8.06
N GLU C 82 4.34 -11.17 -7.21
CA GLU C 82 3.93 -11.42 -5.84
C GLU C 82 3.66 -10.15 -5.03
N GLY C 83 4.45 -9.11 -5.25
CA GLY C 83 4.22 -7.88 -4.52
C GLY C 83 2.85 -7.31 -4.85
N ILE C 84 2.54 -7.26 -6.14
CA ILE C 84 1.25 -6.75 -6.62
C ILE C 84 0.10 -7.57 -6.04
N LEU C 85 0.25 -8.88 -6.04
CA LEU C 85 -0.77 -9.77 -5.52
C LEU C 85 -1.02 -9.46 -4.04
N ASP C 86 0.05 -9.37 -3.26
CA ASP C 86 -0.07 -9.07 -1.84
C ASP C 86 -0.80 -7.74 -1.60
N MSE C 87 -0.43 -6.70 -2.33
CA MSE C 87 -1.09 -5.41 -2.14
C MSE C 87 -2.55 -5.43 -2.60
O MSE C 87 -3.40 -4.72 -2.05
CB MSE C 87 -0.31 -4.31 -2.85
CG MSE C 87 1.07 -4.08 -2.25
SE MSE C 87 1.01 -3.82 -0.31
CE MSE C 87 1.34 -5.64 0.25
N LEU C 88 -2.85 -6.25 -3.61
CA LEU C 88 -4.21 -6.33 -4.12
C LEU C 88 -5.09 -7.00 -3.05
N CSU C 89 -4.54 -8.01 -2.38
CA CSU C 89 -5.27 -8.69 -1.32
CB CSU C 89 -4.53 -9.98 -0.94
SG CSU C 89 -4.63 -11.23 -2.24
C CSU C 89 -5.45 -7.79 -0.10
O CSU C 89 -6.52 -7.76 0.52
N ALA C 90 -4.42 -7.02 0.25
CA ALA C 90 -4.52 -6.12 1.39
C ALA C 90 -5.56 -5.05 1.12
N TRP C 91 -5.61 -4.55 -0.11
CA TRP C 91 -6.59 -3.53 -0.47
C TRP C 91 -7.99 -4.14 -0.42
N GLY C 92 -8.13 -5.36 -0.95
CA GLY C 92 -9.42 -6.03 -0.95
C GLY C 92 -9.93 -6.34 0.44
N ALA C 93 -9.01 -6.66 1.35
CA ALA C 93 -9.38 -6.97 2.73
C ALA C 93 -9.96 -5.71 3.36
N ASN C 94 -9.29 -4.58 3.18
CA ASN C 94 -9.78 -3.34 3.74
C ASN C 94 -11.13 -2.99 3.12
N HIS C 95 -11.27 -3.18 1.81
CA HIS C 95 -12.50 -2.85 1.09
C HIS C 95 -13.78 -3.52 1.61
N ILE C 96 -13.69 -4.82 1.90
CA ILE C 96 -14.85 -5.56 2.37
C ILE C 96 -15.10 -5.36 3.87
N ASN C 97 -14.02 -5.17 4.62
CA ASN C 97 -14.14 -4.93 6.06
C ASN C 97 -14.40 -3.45 6.29
N ARG C 98 -14.25 -2.67 5.23
CA ARG C 98 -14.45 -1.22 5.26
C ARG C 98 -15.92 -0.80 5.27
N MSE D 1 -15.75 -17.74 -1.47
CA MSE D 1 -14.92 -16.99 -2.40
C MSE D 1 -13.65 -16.48 -1.74
O MSE D 1 -13.68 -16.02 -0.60
CB MSE D 1 -15.71 -15.79 -2.96
CG MSE D 1 -14.92 -14.98 -3.95
SE MSE D 1 -15.77 -13.31 -4.34
CE MSE D 1 -16.48 -13.73 -6.08
N SER D 2 -12.55 -16.53 -2.47
CA SER D 2 -11.28 -16.09 -1.95
C SER D 2 -11.17 -14.56 -1.94
N LEU D 3 -10.25 -14.07 -1.11
CA LEU D 3 -10.02 -12.65 -0.97
C LEU D 3 -9.58 -11.98 -2.27
N VAL D 4 -8.68 -12.63 -3.01
CA VAL D 4 -8.21 -12.07 -4.26
C VAL D 4 -9.35 -12.00 -5.28
N GLU D 5 -10.20 -13.03 -5.29
CA GLU D 5 -11.33 -13.06 -6.22
C GLU D 5 -12.28 -11.90 -5.94
N ALA D 6 -12.59 -11.70 -4.67
CA ALA D 6 -13.49 -10.62 -4.29
C ALA D 6 -12.91 -9.28 -4.74
N THR D 7 -11.61 -9.15 -4.57
CA THR D 7 -10.91 -7.93 -4.95
C THR D 7 -10.94 -7.69 -6.46
N LEU D 8 -10.80 -8.77 -7.23
CA LEU D 8 -10.81 -8.66 -8.68
C LEU D 8 -12.19 -8.22 -9.21
N GLU D 9 -13.25 -8.49 -8.44
CA GLU D 9 -14.60 -8.09 -8.87
C GLU D 9 -14.70 -6.57 -8.82
N VAL D 10 -13.86 -5.95 -7.99
CA VAL D 10 -13.87 -4.51 -7.85
C VAL D 10 -12.93 -3.79 -8.81
N ILE D 11 -11.69 -4.29 -8.93
CA ILE D 11 -10.72 -3.65 -9.81
C ILE D 11 -10.13 -4.53 -10.91
N GLY D 12 -10.58 -5.78 -10.98
CA GLY D 12 -10.05 -6.69 -12.00
C GLY D 12 -10.54 -6.47 -13.42
N GLY D 13 -10.03 -7.27 -14.35
CA GLY D 13 -10.43 -7.11 -15.73
C GLY D 13 -9.42 -6.26 -16.47
N LYS D 14 -9.65 -6.05 -17.76
CA LYS D 14 -8.72 -5.26 -18.58
C LYS D 14 -9.08 -3.78 -18.74
N TRP D 15 -10.23 -3.36 -18.21
CA TRP D 15 -10.64 -1.97 -18.37
C TRP D 15 -10.58 -1.05 -17.13
N LYS D 16 -11.05 -1.52 -15.98
CA LYS D 16 -11.09 -0.66 -14.80
C LYS D 16 -9.83 0.11 -14.43
N CSU D 17 -8.68 -0.56 -14.43
CA CSU D 17 -7.43 0.12 -14.09
CB CSU D 17 -6.30 -0.91 -13.95
SG CSU D 17 -6.53 -1.97 -12.54
S CSU D 17 -6.16 -0.88 -10.87
C CSU D 17 -7.07 1.17 -15.15
O CSU D 17 -6.40 2.16 -14.85
OD1 CSU D 17 -6.56 -1.62 -9.66
OD2 CSU D 17 -6.85 0.40 -10.93
OD3 CSU D 17 -4.71 -0.64 -10.84
N VAL D 18 -7.50 0.92 -16.39
CA VAL D 18 -7.25 1.87 -17.47
C VAL D 18 -8.07 3.12 -17.17
N ILE D 19 -9.34 2.91 -16.85
CA ILE D 19 -10.24 4.01 -16.52
C ILE D 19 -9.66 4.85 -15.40
N LEU D 20 -9.28 4.19 -14.30
CA LEU D 20 -8.72 4.90 -13.16
C LEU D 20 -7.44 5.64 -13.54
N CSU D 21 -6.62 5.04 -14.40
CA CSU D 21 -5.40 5.70 -14.82
CB CSU D 21 -4.62 4.79 -15.79
SG CSU D 21 -3.13 5.56 -16.45
S CSU D 21 -3.59 6.30 -18.30
C CSU D 21 -5.73 7.04 -15.50
O CSU D 21 -5.13 8.07 -15.19
OD1 CSU D 21 -2.37 6.84 -18.90
OD2 CSU D 21 -4.59 7.35 -18.19
OD3 CSU D 21 -4.12 5.22 -19.14
N HIS D 22 -6.72 7.01 -16.39
CA HIS D 22 -7.15 8.22 -17.07
C HIS D 22 -7.72 9.24 -16.10
N LEU D 23 -8.33 8.76 -15.02
CA LEU D 23 -8.91 9.64 -14.03
C LEU D 23 -7.90 10.21 -13.02
N THR D 24 -6.74 9.56 -12.87
CA THR D 24 -5.76 10.05 -11.91
C THR D 24 -5.38 11.52 -12.13
N HIS D 25 -5.27 11.93 -13.39
CA HIS D 25 -4.90 13.30 -13.71
C HIS D 25 -6.07 14.11 -14.27
N GLY D 26 -7.07 14.33 -13.42
CA GLY D 26 -8.21 15.11 -13.85
C GLY D 26 -9.49 14.36 -14.15
N LYS D 27 -10.60 14.91 -13.64
CA LYS D 27 -11.91 14.34 -13.86
C LYS D 27 -12.15 14.36 -15.36
N LYS D 28 -12.96 13.44 -15.86
CA LYS D 28 -13.23 13.40 -17.29
C LYS D 28 -14.69 13.12 -17.59
N ARG D 29 -15.21 13.79 -18.61
CA ARG D 29 -16.59 13.61 -19.02
C ARG D 29 -16.63 12.30 -19.80
N THR D 30 -17.82 11.75 -19.97
CA THR D 30 -17.98 10.48 -20.67
C THR D 30 -17.35 10.39 -22.06
N SER D 31 -17.63 11.37 -22.92
CA SER D 31 -17.09 11.35 -24.28
C SER D 31 -15.56 11.35 -24.27
N GLU D 32 -14.98 11.95 -23.23
CA GLU D 32 -13.53 12.00 -23.08
C GLU D 32 -12.98 10.59 -22.92
N LEU D 33 -13.47 9.89 -21.91
CA LEU D 33 -13.03 8.52 -21.65
C LEU D 33 -13.21 7.67 -22.89
N LYS D 34 -14.32 7.85 -23.59
CA LYS D 34 -14.58 7.07 -24.80
C LYS D 34 -13.50 7.35 -25.84
N ARG D 35 -13.16 8.62 -26.02
CA ARG D 35 -12.15 9.02 -26.98
C ARG D 35 -10.80 8.38 -26.65
N LEU D 36 -10.45 8.42 -25.37
CA LEU D 36 -9.19 7.86 -24.89
C LEU D 36 -9.14 6.34 -24.88
N MSE D 37 -10.30 5.70 -24.98
CA MSE D 37 -10.37 4.24 -24.95
C MSE D 37 -11.17 3.72 -26.15
O MSE D 37 -12.24 3.14 -25.99
CB MSE D 37 -11.00 3.77 -23.64
CG MSE D 37 -10.33 4.32 -22.39
SE MSE D 37 -11.24 3.81 -20.75
CE MSE D 37 -10.85 1.92 -20.75
N PRO D 38 -10.63 3.91 -27.37
CA PRO D 38 -11.29 3.47 -28.59
C PRO D 38 -11.55 1.96 -28.67
N ASN D 39 -10.79 1.18 -27.90
CA ASN D 39 -10.95 -0.27 -27.91
C ASN D 39 -12.11 -0.83 -27.08
N ILE D 40 -12.86 0.03 -26.42
CA ILE D 40 -13.98 -0.43 -25.60
C ILE D 40 -15.30 0.18 -26.09
N THR D 41 -16.40 -0.56 -25.94
CA THR D 41 -17.69 -0.07 -26.40
C THR D 41 -18.26 0.91 -25.37
N GLN D 42 -19.21 1.72 -25.80
CA GLN D 42 -19.82 2.69 -24.90
C GLN D 42 -20.58 1.96 -23.79
N LYS D 43 -21.22 0.85 -24.15
CA LYS D 43 -21.98 0.06 -23.20
C LYS D 43 -21.09 -0.61 -22.15
N MSE D 44 -20.01 -1.24 -22.60
CA MSE D 44 -19.09 -1.90 -21.68
C MSE D 44 -18.49 -0.83 -20.79
O MSE D 44 -18.30 -1.03 -19.59
CB MSE D 44 -17.99 -2.63 -22.44
CG MSE D 44 -16.91 -3.23 -21.53
SE MSE D 44 -17.58 -4.50 -20.22
CE MSE D 44 -16.57 -6.06 -20.77
N LEU D 45 -18.21 0.34 -21.37
CA LEU D 45 -17.64 1.45 -20.61
C LEU D 45 -18.62 1.92 -19.54
N THR D 46 -19.90 2.06 -19.92
CA THR D 46 -20.92 2.50 -18.96
C THR D 46 -21.06 1.46 -17.86
N GLN D 47 -21.02 0.19 -18.24
CA GLN D 47 -21.15 -0.89 -17.28
C GLN D 47 -19.98 -0.87 -16.29
N GLN D 48 -18.77 -0.66 -16.81
CA GLN D 48 -17.59 -0.63 -15.95
C GLN D 48 -17.68 0.57 -15.00
N LEU D 49 -18.12 1.71 -15.53
CA LEU D 49 -18.24 2.92 -14.73
C LEU D 49 -19.27 2.74 -13.61
N ARG D 50 -20.38 2.09 -13.93
CA ARG D 50 -21.44 1.86 -12.94
C ARG D 50 -20.92 0.98 -11.81
N GLU D 51 -20.10 -0.01 -12.14
CA GLU D 51 -19.54 -0.90 -11.13
C GLU D 51 -18.55 -0.17 -10.24
N LEU D 52 -17.70 0.66 -10.85
CA LEU D 52 -16.73 1.43 -10.09
C LEU D 52 -17.46 2.40 -9.15
N GLU D 53 -18.55 3.00 -9.64
CA GLU D 53 -19.32 3.92 -8.81
C GLU D 53 -19.91 3.16 -7.63
N ALA D 54 -20.52 2.02 -7.92
CA ALA D 54 -21.14 1.21 -6.88
C ALA D 54 -20.15 0.85 -5.79
N ASP D 55 -18.90 0.59 -6.17
CA ASP D 55 -17.87 0.26 -5.20
C ASP D 55 -17.21 1.46 -4.55
N GLY D 56 -17.71 2.65 -4.87
CA GLY D 56 -17.19 3.88 -4.28
C GLY D 56 -15.80 4.30 -4.71
N VAL D 57 -15.31 3.73 -5.81
CA VAL D 57 -13.98 4.04 -6.30
C VAL D 57 -13.96 5.34 -7.15
N ILE D 58 -15.09 5.66 -7.77
CA ILE D 58 -15.17 6.89 -8.57
C ILE D 58 -16.49 7.58 -8.25
N ASN D 59 -16.53 8.88 -8.50
CA ASN D 59 -17.73 9.68 -8.28
C ASN D 59 -18.31 10.03 -9.63
N ARG D 60 -19.63 10.14 -9.69
CA ARG D 60 -20.34 10.46 -10.91
C ARG D 60 -21.00 11.83 -10.73
N ILE D 61 -20.65 12.78 -11.58
CA ILE D 61 -21.17 14.14 -11.52
C ILE D 61 -22.11 14.42 -12.70
N VAL D 62 -23.39 14.62 -12.38
CA VAL D 62 -24.39 14.87 -13.40
C VAL D 62 -24.79 16.33 -13.53
N TYR D 63 -24.52 16.90 -14.71
CA TYR D 63 -24.89 18.29 -14.98
C TYR D 63 -26.19 18.22 -15.74
N ASN D 64 -27.31 18.50 -15.06
CA ASN D 64 -28.60 18.45 -15.72
C ASN D 64 -28.78 19.65 -16.66
N GLN D 65 -27.82 19.84 -17.54
CA GLN D 65 -27.85 20.93 -18.50
C GLN D 65 -28.76 20.55 -19.67
N LYS D 69 -24.70 16.15 -19.68
CA LYS D 69 -23.27 16.05 -19.48
C LYS D 69 -22.98 15.32 -18.16
N VAL D 70 -22.02 14.40 -18.20
CA VAL D 70 -21.65 13.63 -17.02
C VAL D 70 -20.14 13.47 -16.92
N GLU D 71 -19.58 13.87 -15.79
CA GLU D 71 -18.15 13.76 -15.58
C GLU D 71 -17.90 12.68 -14.56
N TYR D 72 -16.73 12.04 -14.65
CA TYR D 72 -16.34 11.01 -13.71
C TYR D 72 -15.06 11.46 -13.04
N GLU D 73 -14.96 11.18 -11.76
CA GLU D 73 -13.79 11.59 -11.01
C GLU D 73 -13.38 10.54 -9.99
N LEU D 74 -12.08 10.39 -9.80
CA LEU D 74 -11.56 9.43 -8.84
C LEU D 74 -11.98 9.95 -7.46
N SER D 75 -12.67 9.12 -6.69
CA SER D 75 -13.12 9.52 -5.36
C SER D 75 -11.93 9.54 -4.41
N GLU D 76 -12.13 10.07 -3.20
CA GLU D 76 -11.06 10.10 -2.22
C GLU D 76 -10.63 8.66 -1.94
N TYR D 77 -11.61 7.79 -1.76
CA TYR D 77 -11.34 6.38 -1.50
C TYR D 77 -10.61 5.74 -2.68
N GLY D 78 -10.99 6.12 -3.89
CA GLY D 78 -10.36 5.57 -5.09
C GLY D 78 -8.88 5.89 -5.17
N ARG D 79 -8.49 7.02 -4.59
CA ARG D 79 -7.10 7.47 -4.56
C ARG D 79 -6.21 6.46 -3.85
N SER D 80 -6.81 5.66 -2.98
CA SER D 80 -6.06 4.67 -2.24
C SER D 80 -5.52 3.59 -3.16
N LEU D 81 -5.94 3.62 -4.43
CA LEU D 81 -5.47 2.63 -5.42
C LEU D 81 -4.25 3.10 -6.22
N GLU D 82 -3.85 4.35 -6.05
CA GLU D 82 -2.71 4.90 -6.78
C GLU D 82 -1.41 4.11 -6.57
N GLY D 83 -1.19 3.62 -5.36
CA GLY D 83 0.01 2.85 -5.09
C GLY D 83 0.07 1.62 -5.98
N ILE D 84 -1.03 0.87 -5.99
CA ILE D 84 -1.11 -0.33 -6.80
C ILE D 84 -0.98 0.05 -8.28
N LEU D 85 -1.64 1.14 -8.67
CA LEU D 85 -1.57 1.60 -10.06
C LEU D 85 -0.13 1.83 -10.48
N ASP D 86 0.65 2.46 -9.60
CA ASP D 86 2.05 2.73 -9.91
C ASP D 86 2.82 1.42 -10.03
N MSE D 87 2.47 0.44 -9.20
CA MSE D 87 3.16 -0.86 -9.27
C MSE D 87 2.87 -1.53 -10.60
O MSE D 87 3.76 -2.13 -11.21
CB MSE D 87 2.71 -1.77 -8.12
CG MSE D 87 3.15 -1.30 -6.74
SE MSE D 87 2.40 -2.39 -5.33
CE MSE D 87 3.69 -3.82 -5.30
N LEU D 88 1.63 -1.44 -11.06
CA LEU D 88 1.25 -2.05 -12.35
C LEU D 88 2.00 -1.39 -13.51
N CSU D 89 2.18 -0.08 -13.40
CA CSU D 89 2.89 0.65 -14.44
CB CSU D 89 2.73 2.15 -14.23
SG CSU D 89 1.14 2.74 -14.80
S CSU D 89 0.56 4.34 -13.69
C CSU D 89 4.35 0.29 -14.48
O CSU D 89 4.92 0.08 -15.56
OD1 CSU D 89 -0.89 4.53 -13.81
OD2 CSU D 89 1.27 5.55 -14.15
OD3 CSU D 89 0.90 4.10 -12.28
N ALA D 90 4.96 0.20 -13.31
CA ALA D 90 6.37 -0.14 -13.22
C ALA D 90 6.60 -1.55 -13.75
N TRP D 91 5.68 -2.46 -13.44
CA TRP D 91 5.78 -3.83 -13.89
C TRP D 91 5.59 -3.91 -15.41
N GLY D 92 4.67 -3.10 -15.93
CA GLY D 92 4.41 -3.11 -17.35
C GLY D 92 5.58 -2.56 -18.14
N ALA D 93 6.27 -1.59 -17.55
CA ALA D 93 7.42 -0.96 -18.17
C ALA D 93 8.51 -2.02 -18.37
N ASN D 94 8.79 -2.78 -17.33
CA ASN D 94 9.81 -3.81 -17.42
C ASN D 94 9.39 -4.91 -18.40
N HIS D 95 8.10 -5.26 -18.39
CA HIS D 95 7.60 -6.29 -19.28
C HIS D 95 7.77 -5.92 -20.75
N ILE D 96 7.54 -4.65 -21.07
CA ILE D 96 7.67 -4.17 -22.43
C ILE D 96 9.11 -4.35 -22.92
N ASN D 97 10.06 -4.26 -22.00
CA ASN D 97 11.47 -4.42 -22.34
C ASN D 97 11.88 -5.89 -22.44
N ARG D 98 11.06 -6.77 -21.89
CA ARG D 98 11.34 -8.19 -21.89
C ARG D 98 10.95 -8.80 -23.23
#